data_6CB3
#
_entry.id   6CB3
#
_cell.length_a   73.141
_cell.length_b   73.141
_cell.length_c   117.610
_cell.angle_alpha   90.00
_cell.angle_beta   90.00
_cell.angle_gamma   120.00
#
_symmetry.space_group_name_H-M   'P 31'
#
loop_
_entity.id
_entity.type
_entity.pdbx_description
1 polymer 'RNA (99-MER)'
2 non-polymer 'CADMIUM ION'
3 non-polymer "GUANOSINE-5'-TRIPHOSPHATE"
4 non-polymer 'BARIUM ION'
5 non-polymer 'MAGNESIUM ION'
6 water water
#
_entity_poly.entity_id   1
_entity_poly.type   'polyribonucleotide'
_entity_poly.pdbx_seq_one_letter_code
;GAAAGGGGAGUAGCGUCGGGAAACCGAAACAAAGUCGUCAAUUCGUGAGGAAACUCACCGGCUUUGUUGACAUACGAAAG
UAUGUUUAGCAAGACCUUUCC
;
_entity_poly.pdbx_strand_id   A,B
#
loop_
_chem_comp.id
_chem_comp.type
_chem_comp.name
_chem_comp.formula
A RNA linking ADENOSINE-5'-MONOPHOSPHATE 'C10 H14 N5 O7 P'
BA non-polymer 'BARIUM ION' 'Ba 2'
C RNA linking CYTIDINE-5'-MONOPHOSPHATE 'C9 H14 N3 O8 P'
CD non-polymer 'CADMIUM ION' 'Cd 2'
G RNA linking GUANOSINE-5'-MONOPHOSPHATE 'C10 H14 N5 O8 P'
GTP non-polymer GUANOSINE-5'-TRIPHOSPHATE 'C10 H16 N5 O14 P3'
MG non-polymer 'MAGNESIUM ION' 'Mg 2'
U RNA linking URIDINE-5'-MONOPHOSPHATE 'C9 H13 N2 O9 P'
#
# COMPACT_ATOMS: atom_id res chain seq x y z
CD CD C . 8.62 0.83 -20.81
CD CD D . 6.88 14.94 -1.68
CD CD E . 5.18 71.29 -21.76
CD CD F . -4.45 1.70 -4.66
CD CD G . 4.99 38.36 -10.01
CD CD H . 2.31 13.96 -2.43
CD CD I . -1.28 11.15 0.87
CD CD J . 2.15 7.82 18.40
CD CD K . 8.90 -3.66 -17.16
CD CD L . -4.62 49.75 5.36
CD CD M . -3.97 45.46 5.70
CD CD N . 0.00 30.48 1.39
CD CD O . 12.14 26.02 5.31
CD CD P . 2.25 56.97 -15.94
CD CD Q . 5.55 29.92 -17.38
CD CD R . 5.85 7.76 -16.19
CD CD S . 7.86 2.02 -18.69
CD CD T . 6.79 15.53 12.04
PG GTP U . -3.96 4.32 19.23
O1G GTP U . -4.76 3.78 18.09
O2G GTP U . -4.80 4.26 20.48
O3G GTP U . -2.79 3.39 19.38
O3B GTP U . -3.53 5.86 18.94
PB GTP U . -2.29 6.59 19.66
O1B GTP U . -1.11 6.78 18.76
O2B GTP U . -1.96 5.80 20.86
O3A GTP U . -2.79 7.94 20.33
PA GTP U . -3.01 7.99 21.94
O1A GTP U . -3.87 9.16 22.39
O2A GTP U . -3.61 6.73 22.52
O5' GTP U . -1.56 8.22 22.57
C5' GTP U . -1.52 9.03 23.72
C4' GTP U . -0.28 8.75 24.53
O4' GTP U . -0.04 7.37 24.71
C3' GTP U . 0.90 9.18 23.74
O3' GTP U . 1.27 10.45 24.16
C2' GTP U . 2.02 8.24 24.04
O2' GTP U . 2.91 8.84 24.96
C1' GTP U . 1.32 7.03 24.62
N9 GTP U . 1.41 6.15 23.49
C8 GTP U . 0.40 5.80 22.65
N7 GTP U . 0.93 5.00 21.72
C5 GTP U . 2.24 4.83 21.91
C6 GTP U . 3.19 4.11 21.25
O6 GTP U . 2.91 3.45 20.24
N1 GTP U . 4.48 4.13 21.71
C2 GTP U . 4.77 4.88 22.85
N2 GTP U . 6.00 4.93 23.33
N3 GTP U . 3.80 5.58 23.49
C4 GTP U . 2.55 5.55 23.03
BA BA V . 8.31 43.79 -13.71
BA BA W . -4.16 16.22 -11.22
BA BA X . 8.28 16.97 9.99
BA BA Y . 8.88 72.30 -13.35
BA BA Z . 8.88 13.66 -13.02
BA BA AA . 8.54 49.67 -15.12
BA BA BA . 9.19 23.47 -14.97
MG MG CA . 1.00 3.43 -6.23
MG MG DA . 12.61 23.15 -7.19
MG MG EA . 2.43 26.96 -0.57
MG MG FA . 11.76 25.25 8.68
CD CD GA . -22.58 -38.63 -15.51
CD CD HA . -20.20 -35.18 -14.45
CD CD IA . -42.93 -57.84 7.42
CD CD JA . -20.39 -31.33 4.51
CD CD KA . -5.33 -11.06 1.93
CD CD LA . -0.59 4.12 20.18
CD CD MA . -8.61 -8.00 0.21
CD CD NA . -8.25 -11.35 13.39
CD CD OA . -25.86 -42.71 8.31
CD CD PA . -5.40 0.97 22.00
CD CD QA . 7.66 -7.75 -14.69
CD CD RA . -14.93 -16.49 -3.15
CD CD SA . -22.24 -41.52 10.06
CD CD TA . -34.61 -45.00 3.78
CD CD UA . -21.38 -26.91 -9.38
CD CD VA . -2.71 -25.79 -1.17
CD CD WA . 5.36 -12.67 -7.79
CD CD XA . -8.38 0.98 5.49
CD CD YA . -35.95 -53.76 0.16
CD CD ZA . -35.20 -48.39 0.54
PG GTP AB . 6.61 -2.69 -18.15
O1G GTP AB . 7.57 -2.83 -19.31
O2G GTP AB . 7.11 -1.62 -17.23
O3G GTP AB . 5.25 -2.27 -18.57
O3B GTP AB . 6.57 -4.11 -17.38
PB GTP AB . 6.18 -5.48 -18.14
O1B GTP AB . 5.07 -5.18 -19.09
O2B GTP AB . 5.82 -6.54 -17.14
O3A GTP AB . 7.38 -6.01 -19.04
PA GTP AB . 7.02 -6.36 -20.56
O1A GTP AB . 6.84 -5.16 -21.44
O2A GTP AB . 5.77 -7.20 -20.57
O5' GTP AB . 8.20 -7.24 -21.15
C5' GTP AB . 8.28 -8.61 -20.85
C4' GTP AB . 9.73 -9.05 -20.99
O4' GTP AB . 10.50 -7.93 -20.67
C3' GTP AB . 10.08 -10.09 -19.96
O3' GTP AB . 11.34 -10.68 -20.19
C2' GTP AB . 10.34 -9.20 -18.81
O2' GTP AB . 11.09 -9.90 -17.85
C1' GTP AB . 11.22 -8.20 -19.50
N9 GTP AB . 11.06 -7.15 -18.55
C8 GTP AB . 10.15 -6.16 -18.60
N7 GTP AB . 10.35 -5.43 -17.50
C5 GTP AB . 11.35 -5.93 -16.78
C6 GTP AB . 11.91 -5.54 -15.60
O6 GTP AB . 11.51 -4.55 -14.99
N1 GTP AB . 12.94 -6.29 -15.13
C2 GTP AB . 13.37 -7.40 -15.82
N2 GTP AB . 14.37 -8.14 -15.38
N3 GTP AB . 12.80 -7.77 -16.98
C4 GTP AB . 11.79 -7.03 -17.44
BA BA BB . 2.45 -15.97 -5.51
BA BA CB . -11.11 -21.37 -3.97
BA BA DB . -22.31 -37.34 8.83
BA BA EB . -36.61 -61.77 2.16
BA BA FB . -17.28 -8.00 6.10
BA BA GB . -13.86 -18.84 13.35
MG MG HB . -18.78 -32.98 9.33
MG MG IB . 0.35 -26.94 -3.74
#